data_3BOS
#
_entry.id   3BOS
#
_cell.length_a   55.037
_cell.length_b   64.032
_cell.length_c   153.640
_cell.angle_alpha   90.000
_cell.angle_beta   90.000
_cell.angle_gamma   90.000
#
_symmetry.space_group_name_H-M   'P 21 21 21'
#
loop_
_entity.id
_entity.type
_entity.pdbx_description
1 polymer 'Putative DNA replication factor'
2 non-polymer 'MAGNESIUM ION'
3 non-polymer 'THIOCYANATE ION'
4 non-polymer "CYTIDINE-5'-DIPHOSPHATE"
5 non-polymer 1,2-ETHANEDIOL
6 non-polymer 'SODIUM ION'
7 non-polymer 'CHLORIDE ION'
8 water water
#
_entity_poly.entity_id   1
_entity_poly.type   'polypeptide(L)'
_entity_poly.pdbx_seq_one_letter_code
;G(MSE)RSNRVTQHPPLQLSLPVHLPDDETFTSYYPAAGNDELIGALKSAASGDGVQAIYLWGPVKSGRTHLIHAACARA
NELERRSFYIPLGIHASISTALLEGLEQFDLICIDDVDAVAGHPLWEEAIFDLYNRVAEQKRGSLIVSASASP(MSE)EA
GFVLPDLVSR(MSE)HWGLTYQLQP(MSE)(MSE)DDEKLAALQRRAA(MSE)RGLQLPEDVGRFLLNR(MSE)ARDLRT
LFDVLDRLDKAS(MSE)VHQRKLTIPFVKE(MSE)LRL
;
_entity_poly.pdbx_strand_id   A,B
#
# COMPACT_ATOMS: atom_id res chain seq x y z
N LEU A 13 7.75 -15.41 -12.20
CA LEU A 13 7.48 -14.04 -11.71
C LEU A 13 6.15 -14.00 -10.95
N GLN A 14 6.07 -13.12 -9.94
CA GLN A 14 4.85 -12.95 -9.14
C GLN A 14 3.88 -12.09 -9.92
N LEU A 15 2.65 -12.59 -10.04
CA LEU A 15 1.64 -11.92 -10.85
C LEU A 15 0.65 -11.13 -10.03
N SER A 16 0.47 -11.50 -8.75
CA SER A 16 -0.61 -10.94 -7.94
C SER A 16 -0.34 -11.07 -6.47
N LEU A 17 -1.14 -10.32 -5.72
CA LEU A 17 -1.10 -10.32 -4.29
C LEU A 17 -2.50 -10.72 -3.81
N PRO A 18 -2.60 -11.75 -2.96
CA PRO A 18 -3.91 -12.08 -2.39
C PRO A 18 -4.42 -10.98 -1.48
N VAL A 19 -5.68 -10.59 -1.67
CA VAL A 19 -6.31 -9.58 -0.86
C VAL A 19 -7.62 -10.08 -0.32
N HIS A 20 -8.12 -9.41 0.71
CA HIS A 20 -9.41 -9.77 1.25
C HIS A 20 -10.17 -8.54 1.73
N LEU A 21 -11.49 -8.70 1.75
CA LEU A 21 -12.41 -7.67 2.17
C LEU A 21 -12.80 -7.96 3.61
N PRO A 22 -12.44 -7.11 4.58
CA PRO A 22 -12.77 -7.39 5.98
C PRO A 22 -14.28 -7.50 6.17
N ASP A 23 -14.76 -8.58 6.78
CA ASP A 23 -16.21 -8.79 6.82
C ASP A 23 -16.96 -7.89 7.82
N ASP A 24 -16.24 -7.23 8.72
CA ASP A 24 -16.86 -6.32 9.67
C ASP A 24 -16.83 -4.85 9.26
N GLU A 25 -16.47 -4.56 8.00
CA GLU A 25 -16.50 -3.17 7.50
C GLU A 25 -17.66 -3.00 6.55
N THR A 26 -18.78 -2.60 7.14
CA THR A 26 -20.05 -2.41 6.43
C THR A 26 -20.58 -1.00 6.75
N PHE A 27 -21.61 -0.59 6.02
CA PHE A 27 -22.22 0.70 6.29
C PHE A 27 -22.81 0.71 7.70
N THR A 28 -23.32 -0.42 8.16
CA THR A 28 -23.88 -0.56 9.51
C THR A 28 -22.84 -0.45 10.61
N SER A 29 -21.67 -1.03 10.39
CA SER A 29 -20.64 -1.10 11.43
C SER A 29 -19.89 0.22 11.61
N TYR A 30 -19.90 1.04 10.56
CA TYR A 30 -19.27 2.38 10.58
C TYR A 30 -19.82 3.18 11.75
N TYR A 31 -18.95 3.84 12.50
CA TYR A 31 -19.40 4.61 13.65
C TYR A 31 -20.11 5.87 13.14
N PRO A 32 -21.38 6.05 13.53
CA PRO A 32 -22.18 7.17 13.00
C PRO A 32 -21.67 8.62 13.25
N ALA A 33 -20.97 8.84 14.35
C ALA A 34 -22.20 13.17 11.59
N GLY A 35 -23.02 13.73 10.69
CA GLY A 35 -22.51 14.49 9.53
C GLY A 35 -22.02 13.66 8.36
N ASN A 36 -22.41 12.37 8.31
CA ASN A 36 -21.99 11.44 7.22
C ASN A 36 -23.18 10.73 6.55
N ASP A 37 -24.40 11.12 6.88
CA ASP A 37 -25.58 10.42 6.35
C ASP A 37 -25.65 10.45 4.82
N GLU A 38 -25.74 11.64 4.21
CA GLU A 38 -25.89 11.74 2.74
C GLU A 38 -24.84 10.91 2.01
N LEU A 39 -23.62 10.96 2.51
CA LEU A 39 -22.48 10.18 2.02
C LEU A 39 -22.81 8.69 1.92
N ILE A 40 -23.35 8.11 2.99
CA ILE A 40 -23.60 6.66 3.00
C ILE A 40 -24.65 6.29 1.98
N GLY A 41 -25.70 7.08 1.91
CA GLY A 41 -26.73 6.84 0.91
C GLY A 41 -26.19 6.91 -0.52
N ALA A 42 -25.31 7.85 -0.78
CA ALA A 42 -24.68 7.97 -2.11
C ALA A 42 -23.84 6.73 -2.44
N LEU A 43 -23.01 6.28 -1.50
CA LEU A 43 -22.21 5.06 -1.69
C LEU A 43 -23.06 3.83 -1.86
N LYS A 44 -24.10 3.68 -1.04
CA LYS A 44 -25.02 2.54 -1.21
C LYS A 44 -25.64 2.54 -2.59
N SER A 45 -26.12 3.69 -3.05
CA SER A 45 -26.75 3.80 -4.37
C SER A 45 -25.77 3.42 -5.45
N ALA A 46 -24.54 3.94 -5.35
CA ALA A 46 -23.50 3.66 -6.32
C ALA A 46 -23.27 2.14 -6.42
N ALA A 47 -23.14 1.54 -5.24
CA ALA A 47 -22.91 0.09 -5.09
C ALA A 47 -24.04 -0.76 -5.69
N SER A 48 -25.26 -0.24 -5.67
CA SER A 48 -26.43 -0.97 -6.17
C SER A 48 -26.77 -0.76 -7.65
N GLY A 49 -26.11 0.19 -8.30
CA GLY A 49 -26.35 0.48 -9.71
C GLY A 49 -27.29 1.66 -9.92
N ASP A 50 -27.66 2.32 -8.82
CA ASP A 50 -28.67 3.43 -8.80
C ASP A 50 -28.10 4.79 -8.46
N GLY A 51 -26.80 4.95 -8.57
CA GLY A 51 -26.18 6.15 -8.05
C GLY A 51 -25.49 6.94 -9.14
N VAL A 52 -24.67 7.87 -8.69
CA VAL A 52 -23.90 8.70 -9.62
C VAL A 52 -22.74 7.88 -10.19
N GLN A 53 -22.16 8.38 -11.29
CA GLN A 53 -21.09 7.69 -12.01
C GLN A 53 -19.74 7.82 -11.29
N ALA A 54 -19.59 8.90 -10.52
CA ALA A 54 -18.35 9.20 -9.85
C ALA A 54 -18.58 9.80 -8.47
N ILE A 55 -17.86 9.26 -7.48
CA ILE A 55 -17.86 9.79 -6.12
C ILE A 55 -16.41 9.95 -5.69
N TYR A 56 -16.12 11.07 -5.05
CA TYR A 56 -14.78 11.35 -4.51
C TYR A 56 -14.95 11.60 -3.01
N LEU A 57 -14.31 10.77 -2.19
CA LEU A 57 -14.41 10.92 -0.74
CA LEU A 57 -14.39 10.84 -0.74
C LEU A 57 -13.04 11.30 -0.23
N TRP A 58 -13.00 12.29 0.63
CA TRP A 58 -11.72 12.68 1.21
C TRP A 58 -11.86 12.99 2.68
N GLY A 59 -10.72 12.95 3.34
CA GLY A 59 -10.66 13.26 4.76
C GLY A 59 -9.32 12.89 5.34
N PRO A 60 -9.15 13.15 6.64
CA PRO A 60 -7.86 12.90 7.28
C PRO A 60 -7.63 11.43 7.55
N VAL A 61 -6.39 11.07 7.83
CA VAL A 61 -6.08 9.67 8.09
C VAL A 61 -6.96 9.16 9.23
N LYS A 62 -7.37 7.90 9.10
CA LYS A 62 -8.21 7.18 10.07
C LYS A 62 -9.67 7.70 10.18
N SER A 63 -10.11 8.49 9.19
CA SER A 63 -11.47 9.02 9.16
C SER A 63 -12.51 8.01 8.64
N GLY A 64 -12.04 6.95 7.99
CA GLY A 64 -12.92 5.84 7.53
C GLY A 64 -13.10 5.69 6.02
N ARG A 65 -12.19 6.27 5.24
CA ARG A 65 -12.20 6.17 3.79
C ARG A 65 -12.13 4.70 3.31
N THR A 66 -11.15 3.97 3.80
CA THR A 66 -11.01 2.57 3.44
C THR A 66 -12.22 1.73 3.90
N HIS A 67 -12.66 1.92 5.15
CA HIS A 67 -13.85 1.27 5.66
C HIS A 67 -15.02 1.46 4.68
N LEU A 68 -15.29 2.71 4.35
CA LEU A 68 -16.45 2.99 3.50
C LEU A 68 -16.29 2.39 2.09
N ILE A 69 -15.10 2.40 1.54
CA ILE A 69 -14.85 1.73 0.25
C ILE A 69 -15.10 0.23 0.32
N HIS A 70 -14.57 -0.39 1.38
CA HIS A 70 -14.80 -1.79 1.65
C HIS A 70 -16.29 -2.09 1.77
N ALA A 71 -17.01 -1.22 2.48
CA ALA A 71 -18.45 -1.36 2.69
C ALA A 71 -19.21 -1.27 1.36
N ALA A 72 -18.75 -0.40 0.46
CA ALA A 72 -19.37 -0.28 -0.88
C ALA A 72 -19.16 -1.57 -1.68
N CYS A 73 -17.93 -2.10 -1.64
CA CYS A 73 -17.63 -3.36 -2.32
C CYS A 73 -18.49 -4.48 -1.73
N ALA A 74 -18.57 -4.53 -0.40
CA ALA A 74 -19.42 -5.53 0.29
C ALA A 74 -20.87 -5.47 -0.16
N ARG A 75 -21.40 -4.26 -0.31
CA ARG A 75 -22.77 -4.07 -0.74
C ARG A 75 -22.97 -4.53 -2.17
N ALA A 76 -22.06 -4.16 -3.05
CA ALA A 76 -22.10 -4.56 -4.44
C ALA A 76 -22.07 -6.09 -4.55
N ASN A 77 -21.17 -6.73 -3.81
CA ASN A 77 -21.08 -8.20 -3.78
C ASN A 77 -22.39 -8.82 -3.28
N GLU A 78 -22.93 -8.30 -2.18
CA GLU A 78 -24.26 -8.72 -1.68
C GLU A 78 -25.31 -8.78 -2.78
N LEU A 79 -25.32 -7.75 -3.61
CA LEU A 79 -26.29 -7.59 -4.69
C LEU A 79 -25.88 -8.33 -5.98
N GLU A 80 -24.87 -9.19 -5.89
CA GLU A 80 -24.38 -9.97 -7.02
C GLU A 80 -23.85 -9.08 -8.14
N ARG A 81 -23.30 -7.94 -7.75
CA ARG A 81 -22.64 -7.02 -8.64
C ARG A 81 -21.13 -7.12 -8.40
N ARG A 82 -20.36 -6.96 -9.48
CA ARG A 82 -18.93 -7.17 -9.45
C ARG A 82 -18.18 -5.89 -9.10
N SER A 83 -17.29 -5.99 -8.13
CA SER A 83 -16.47 -4.87 -7.67
C SER A 83 -14.98 -5.19 -7.86
N PHE A 84 -14.19 -4.13 -8.07
CA PHE A 84 -12.74 -4.22 -8.10
C PHE A 84 -12.20 -3.10 -7.24
N TYR A 85 -11.32 -3.46 -6.32
CA TYR A 85 -10.67 -2.53 -5.38
C TYR A 85 -9.17 -2.38 -5.67
N ILE A 86 -8.70 -1.15 -5.77
CA ILE A 86 -7.27 -0.87 -5.92
C ILE A 86 -6.83 0.07 -4.81
N PRO A 87 -5.85 -0.37 -3.99
CA PRO A 87 -5.23 0.51 -3.02
C PRO A 87 -4.06 1.22 -3.71
N LEU A 88 -4.26 2.44 -4.21
CA LEU A 88 -3.25 3.02 -5.12
C LEU A 88 -1.97 3.48 -4.39
N GLY A 89 -1.96 3.38 -3.06
CA GLY A 89 -0.77 3.59 -2.27
C GLY A 89 0.40 2.72 -2.73
N ILE A 90 0.10 1.58 -3.33
CA ILE A 90 1.14 0.66 -3.82
CA ILE A 90 1.14 0.66 -3.82
C ILE A 90 1.44 0.82 -5.32
N HIS A 91 1.20 2.03 -5.84
CA HIS A 91 1.49 2.34 -7.25
C HIS A 91 2.92 1.95 -7.69
N ALA A 92 3.90 1.93 -6.78
CA ALA A 92 5.24 1.57 -7.19
C ALA A 92 5.35 0.14 -7.72
N SER A 93 4.37 -0.72 -7.42
CA SER A 93 4.43 -2.15 -7.78
C SER A 93 3.24 -2.57 -8.65
N ILE A 94 2.57 -1.60 -9.25
CA ILE A 94 1.57 -1.87 -10.26
C ILE A 94 1.63 -0.87 -11.43
N SER A 95 0.93 -1.23 -12.48
CA SER A 95 1.04 -0.59 -13.77
C SER A 95 -0.28 0.08 -14.09
N THR A 96 -0.23 1.20 -14.83
CA THR A 96 -1.43 1.83 -15.36
C THR A 96 -2.24 0.85 -16.21
N ALA A 97 -1.59 -0.18 -16.74
CA ALA A 97 -2.30 -1.23 -17.48
C ALA A 97 -3.42 -1.89 -16.64
N LEU A 98 -3.29 -1.88 -15.32
CA LEU A 98 -4.31 -2.44 -14.43
C LEU A 98 -5.70 -1.81 -14.64
N LEU A 99 -5.73 -0.53 -15.02
CA LEU A 99 -7.02 0.18 -15.19
C LEU A 99 -7.77 -0.22 -16.46
N GLU A 100 -7.07 -0.87 -17.39
CA GLU A 100 -7.67 -1.26 -18.66
C GLU A 100 -8.71 -2.37 -18.49
N GLY A 101 -9.87 -2.15 -19.11
CA GLY A 101 -10.99 -3.08 -19.00
C GLY A 101 -11.73 -3.12 -17.67
N LEU A 102 -11.34 -2.30 -16.69
CA LEU A 102 -12.03 -2.29 -15.40
C LEU A 102 -13.47 -1.78 -15.52
N GLU A 103 -13.76 -1.03 -16.58
CA GLU A 103 -15.12 -0.57 -16.83
C GLU A 103 -16.12 -1.73 -17.04
N GLN A 104 -15.61 -2.95 -17.19
CA GLN A 104 -16.47 -4.13 -17.19
C GLN A 104 -17.06 -4.48 -15.81
N PHE A 105 -16.49 -3.91 -14.75
CA PHE A 105 -17.03 -4.03 -13.38
C PHE A 105 -18.21 -3.07 -13.11
N ASP A 106 -19.07 -3.49 -12.20
CA ASP A 106 -20.19 -2.66 -11.76
C ASP A 106 -19.76 -1.57 -10.79
N LEU A 107 -18.71 -1.83 -9.99
CA LEU A 107 -18.17 -0.88 -9.01
C LEU A 107 -16.65 -0.95 -9.05
N ILE A 108 -15.99 0.19 -9.30
CA ILE A 108 -14.54 0.28 -9.29
CA ILE A 108 -14.53 0.26 -9.27
C ILE A 108 -14.18 1.25 -8.17
N CYS A 109 -13.32 0.82 -7.25
CA CYS A 109 -12.88 1.69 -6.17
C CYS A 109 -11.36 1.86 -6.19
N ILE A 110 -10.89 3.10 -6.14
CA ILE A 110 -9.45 3.40 -6.07
C ILE A 110 -9.21 4.15 -4.75
N ASP A 111 -8.68 3.45 -3.77
CA ASP A 111 -8.34 4.01 -2.46
C ASP A 111 -7.02 4.79 -2.59
N ASP A 112 -7.01 5.98 -2.01
CA ASP A 112 -5.81 6.82 -1.98
C ASP A 112 -5.36 7.16 -3.40
N VAL A 113 -6.33 7.56 -4.22
CA VAL A 113 -6.03 7.97 -5.61
C VAL A 113 -5.00 9.12 -5.68
N ASP A 114 -4.92 9.93 -4.63
CA ASP A 114 -3.99 11.05 -4.56
C ASP A 114 -2.54 10.59 -4.32
N ALA A 115 -2.33 9.28 -4.16
CA ALA A 115 -0.98 8.74 -4.07
C ALA A 115 -0.19 9.01 -5.37
N VAL A 116 -0.91 9.21 -6.48
CA VAL A 116 -0.28 9.49 -7.77
C VAL A 116 -0.65 10.88 -8.30
N ALA A 117 -1.12 11.78 -7.42
CA ALA A 117 -1.45 13.15 -7.84
C ALA A 117 -0.20 13.80 -8.43
N GLY A 118 -0.35 14.39 -9.59
CA GLY A 118 0.74 15.07 -10.29
C GLY A 118 1.56 14.17 -11.19
N HIS A 119 1.26 12.88 -11.20
CA HIS A 119 1.91 11.92 -12.08
C HIS A 119 1.23 11.91 -13.46
N PRO A 120 1.91 12.44 -14.50
CA PRO A 120 1.23 12.62 -15.79
C PRO A 120 0.66 11.35 -16.41
N LEU A 121 1.34 10.22 -16.23
CA LEU A 121 0.91 8.95 -16.84
CA LEU A 121 0.88 9.00 -16.87
C LEU A 121 -0.29 8.36 -16.09
N TRP A 122 -0.22 8.34 -14.77
CA TRP A 122 -1.34 7.86 -13.95
C TRP A 122 -2.56 8.76 -14.10
N GLU A 123 -2.35 10.08 -14.11
CA GLU A 123 -3.47 11.04 -14.30
C GLU A 123 -4.22 10.81 -15.59
N GLU A 124 -3.49 10.61 -16.68
CA GLU A 124 -4.12 10.33 -17.96
C GLU A 124 -4.89 9.00 -17.93
N ALA A 125 -4.30 7.98 -17.34
CA ALA A 125 -4.94 6.66 -17.23
C ALA A 125 -6.23 6.70 -16.41
N ILE A 126 -6.20 7.42 -15.29
CA ILE A 126 -7.37 7.56 -14.43
C ILE A 126 -8.45 8.38 -15.13
N PHE A 127 -8.05 9.47 -15.78
CA PHE A 127 -8.98 10.27 -16.59
C PHE A 127 -9.69 9.39 -17.63
N ASP A 128 -8.90 8.56 -18.32
CA ASP A 128 -9.46 7.66 -19.31
C ASP A 128 -10.46 6.67 -18.70
N LEU A 129 -10.15 6.19 -17.50
CA LEU A 129 -11.04 5.28 -16.78
C LEU A 129 -12.36 5.94 -16.40
N TYR A 130 -12.28 7.17 -15.91
CA TYR A 130 -13.50 7.94 -15.62
C TYR A 130 -14.44 7.93 -16.82
N ASN A 131 -13.88 8.19 -17.98
CA ASN A 131 -14.68 8.29 -19.22
C ASN A 131 -15.20 6.95 -19.67
N ARG A 132 -14.40 5.90 -19.53
CA ARG A 132 -14.87 4.55 -19.85
C ARG A 132 -16.01 4.06 -18.94
N VAL A 133 -15.92 4.34 -17.65
CA VAL A 133 -16.97 3.96 -16.70
C VAL A 133 -18.26 4.72 -17.00
N ALA A 134 -18.14 6.02 -17.27
CA ALA A 134 -19.26 6.85 -17.71
C ALA A 134 -19.91 6.26 -18.96
N GLU A 135 -19.11 6.02 -20.00
CA GLU A 135 -19.57 5.43 -21.26
C GLU A 135 -20.27 4.06 -21.16
N GLN A 136 -19.81 3.18 -20.28
CA GLN A 136 -20.44 1.86 -20.10
C GLN A 136 -21.83 1.93 -19.45
N LYS A 137 -22.06 2.95 -18.62
CA LYS A 137 -23.38 3.18 -17.98
C LYS A 137 -23.87 2.06 -17.05
N ARG A 138 -22.98 1.19 -16.61
CA ARG A 138 -23.38 0.07 -15.76
C ARG A 138 -23.11 0.37 -14.29
N GLY A 139 -22.19 1.28 -14.03
CA GLY A 139 -21.73 1.39 -12.67
C GLY A 139 -21.05 2.70 -12.34
N SER A 140 -20.21 2.62 -11.30
CA SER A 140 -19.67 3.80 -10.67
C SER A 140 -18.21 3.59 -10.33
N LEU A 141 -17.49 4.70 -10.28
CA LEU A 141 -16.12 4.79 -9.83
C LEU A 141 -16.14 5.60 -8.54
N ILE A 142 -15.63 5.01 -7.47
CA ILE A 142 -15.45 5.71 -6.19
C ILE A 142 -13.97 5.81 -5.91
N VAL A 143 -13.50 7.01 -5.59
CA VAL A 143 -12.09 7.20 -5.24
C VAL A 143 -11.98 7.90 -3.91
N SER A 144 -10.88 7.66 -3.19
CA SER A 144 -10.64 8.38 -1.93
C SER A 144 -9.30 9.12 -1.93
N ALA A 145 -9.22 10.16 -1.12
CA ALA A 145 -8.05 11.02 -1.10
C ALA A 145 -7.96 11.65 0.29
N SER A 146 -6.84 12.37 0.55
CA SER A 146 -6.69 13.06 1.83
CA SER A 146 -6.60 13.07 1.81
C SER A 146 -6.94 14.56 1.70
N ALA A 147 -7.41 14.98 0.53
CA ALA A 147 -7.73 16.38 0.31
C ALA A 147 -8.70 16.46 -0.84
N SER A 148 -9.34 17.63 -1.00
CA SER A 148 -10.31 17.82 -2.08
C SER A 148 -9.62 17.74 -3.44
N PRO A 149 -10.41 17.56 -4.50
CA PRO A 149 -9.78 17.38 -5.82
C PRO A 149 -8.85 18.51 -6.22
N GLU A 151 -7.26 20.47 -4.24
CA GLU A 151 -6.21 20.64 -3.24
C GLU A 151 -5.30 19.44 -3.02
N ALA A 152 -5.65 18.30 -3.59
CA ALA A 152 -4.87 17.08 -3.48
C ALA A 152 -3.64 17.02 -4.39
N GLY A 153 -3.45 18.03 -5.23
CA GLY A 153 -2.27 18.09 -6.12
C GLY A 153 -2.46 17.53 -7.51
N PHE A 154 -3.70 17.21 -7.89
CA PHE A 154 -3.94 16.73 -9.24
C PHE A 154 -3.74 17.87 -10.21
N VAL A 155 -3.12 17.57 -11.35
CA VAL A 155 -2.69 18.60 -12.29
C VAL A 155 -3.53 18.62 -13.57
N LEU A 156 -3.72 17.46 -14.19
CA LEU A 156 -4.47 17.37 -15.44
C LEU A 156 -5.83 18.05 -15.29
N PRO A 157 -6.02 19.21 -15.94
CA PRO A 157 -7.27 19.93 -15.70
C PRO A 157 -8.54 19.14 -16.00
N ASP A 158 -8.51 18.34 -17.06
CA ASP A 158 -9.66 17.49 -17.40
C ASP A 158 -9.99 16.46 -16.32
N LEU A 159 -8.96 15.93 -15.66
CA LEU A 159 -9.13 14.97 -14.57
C LEU A 159 -9.80 15.66 -13.39
N VAL A 160 -9.31 16.85 -13.04
CA VAL A 160 -9.88 17.59 -11.91
C VAL A 160 -11.35 17.85 -12.16
N SER A 161 -11.68 18.18 -13.41
CA SER A 161 -13.08 18.37 -13.82
C SER A 161 -13.95 17.13 -13.60
N ARG A 162 -13.50 15.97 -14.04
CA ARG A 162 -14.27 14.74 -13.81
C ARG A 162 -14.53 14.51 -12.32
N HIS A 164 -14.52 16.88 -9.87
CA HIS A 164 -15.37 17.95 -9.38
C HIS A 164 -16.83 17.83 -9.86
N TRP A 165 -17.04 17.19 -11.01
CA TRP A 165 -18.37 17.05 -11.57
C TRP A 165 -19.18 15.88 -11.01
N GLY A 166 -18.49 14.87 -10.47
CA GLY A 166 -19.15 13.83 -9.67
C GLY A 166 -19.54 14.34 -8.30
N LEU A 167 -19.99 13.46 -7.43
CA LEU A 167 -20.21 13.82 -6.03
C LEU A 167 -18.90 13.89 -5.30
N THR A 168 -18.81 14.83 -4.38
CA THR A 168 -17.62 14.95 -3.52
C THR A 168 -18.05 15.08 -2.05
N TYR A 169 -17.54 14.18 -1.22
CA TYR A 169 -17.85 14.13 0.22
C TYR A 169 -16.59 14.24 1.04
N GLN A 170 -16.64 15.13 2.02
CA GLN A 170 -15.62 15.25 3.02
C GLN A 170 -16.03 14.51 4.29
N LEU A 171 -15.14 13.65 4.76
CA LEU A 171 -15.36 12.90 6.01
C LEU A 171 -14.80 13.70 7.16
N GLN A 172 -15.58 13.88 8.24
CA GLN A 172 -15.07 14.62 9.39
C GLN A 172 -14.18 13.71 10.26
N PRO A 173 -13.21 14.31 10.97
CA PRO A 173 -12.30 13.46 11.75
C PRO A 173 -13.00 12.70 12.88
N ASP A 176 -10.86 11.44 19.28
CA ASP A 176 -10.13 10.50 20.11
C ASP A 176 -10.93 10.04 21.34
N ASP A 177 -11.66 10.96 21.96
CA ASP A 177 -12.46 10.61 23.11
C ASP A 177 -13.76 9.85 22.79
N GLU A 178 -14.03 9.59 21.51
CA GLU A 178 -15.19 8.76 21.10
C GLU A 178 -14.82 7.30 20.77
N LYS A 179 -13.55 7.00 20.78
CA LYS A 179 -13.07 5.66 20.38
C LYS A 179 -13.60 4.52 21.27
N LEU A 180 -13.64 4.75 22.58
CA LEU A 180 -14.18 3.73 23.47
C LEU A 180 -15.65 3.43 23.16
N ALA A 181 -16.46 4.49 22.93
CA ALA A 181 -17.85 4.30 22.49
C ALA A 181 -17.94 3.46 21.22
N ALA A 182 -17.06 3.77 20.26
CA ALA A 182 -17.00 3.02 18.97
C ALA A 182 -16.70 1.54 19.22
N LEU A 183 -15.71 1.28 20.08
CA LEU A 183 -15.33 -0.08 20.46
C LEU A 183 -16.47 -0.86 21.10
N GLN A 184 -17.08 -0.26 22.11
CA GLN A 184 -18.16 -0.96 22.82
CA GLN A 184 -18.20 -0.86 22.85
C GLN A 184 -19.33 -1.23 21.89
N ARG A 185 -19.59 -0.31 20.95
CA ARG A 185 -20.65 -0.51 19.93
C ARG A 185 -20.33 -1.69 18.99
N ARG A 186 -19.11 -1.75 18.49
CA ARG A 186 -18.68 -2.84 17.61
C ARG A 186 -18.69 -4.17 18.35
N ALA A 187 -18.30 -4.17 19.62
CA ALA A 187 -18.33 -5.40 20.43
C ALA A 187 -19.77 -5.85 20.61
N ALA A 188 -20.65 -4.89 20.93
CA ALA A 188 -22.08 -5.18 21.12
C ALA A 188 -22.70 -5.79 19.87
N ARG A 190 -21.37 -7.59 17.73
CA ARG A 190 -20.90 -8.99 17.69
C ARG A 190 -21.49 -9.88 18.78
N GLY A 191 -22.28 -9.31 19.67
CA GLY A 191 -22.71 -10.00 20.89
C GLY A 191 -21.53 -10.47 21.74
N LEU A 192 -20.42 -9.72 21.66
CA LEU A 192 -19.21 -10.05 22.40
C LEU A 192 -19.23 -9.26 23.71
N GLN A 193 -19.22 -9.96 24.84
CA GLN A 193 -19.14 -9.32 26.15
C GLN A 193 -17.72 -8.78 26.36
N LEU A 194 -17.60 -7.48 26.55
CA LEU A 194 -16.30 -6.85 26.71
C LEU A 194 -16.37 -5.99 27.97
N PRO A 195 -15.75 -6.45 29.06
CA PRO A 195 -15.75 -5.57 30.21
C PRO A 195 -15.20 -4.18 29.87
N GLU A 196 -15.77 -3.15 30.48
CA GLU A 196 -15.40 -1.78 30.17
C GLU A 196 -13.91 -1.55 30.35
N ASP A 197 -13.37 -2.03 31.46
CA ASP A 197 -11.96 -1.86 31.77
CA ASP A 197 -11.96 -1.82 31.73
C ASP A 197 -11.06 -2.62 30.79
N VAL A 198 -11.51 -3.79 30.33
CA VAL A 198 -10.73 -4.57 29.35
C VAL A 198 -10.73 -3.85 28.01
N GLY A 199 -11.85 -3.22 27.65
CA GLY A 199 -11.91 -2.40 26.46
C GLY A 199 -10.93 -1.25 26.53
N ARG A 200 -10.90 -0.60 27.70
CA ARG A 200 -10.02 0.54 27.90
C ARG A 200 -8.54 0.10 27.82
N PHE A 201 -8.22 -1.04 28.42
CA PHE A 201 -6.89 -1.66 28.32
C PHE A 201 -6.49 -1.89 26.87
N LEU A 202 -7.38 -2.54 26.12
CA LEU A 202 -7.10 -2.87 24.72
C LEU A 202 -6.91 -1.57 23.92
N LEU A 203 -7.81 -0.62 24.09
CA LEU A 203 -7.70 0.65 23.38
C LEU A 203 -6.36 1.33 23.57
N ASN A 204 -5.93 1.43 24.84
CA ASN A 204 -4.66 2.05 25.13
C ASN A 204 -3.40 1.20 24.89
N ARG A 205 -3.56 -0.10 24.78
CA ARG A 205 -2.44 -1.00 24.42
C ARG A 205 -2.20 -1.07 22.90
N ALA A 207 -2.26 1.65 20.97
CA ALA A 207 -1.92 3.01 20.58
C ALA A 207 -3.18 3.78 20.14
N ARG A 208 -4.34 3.41 20.68
CA ARG A 208 -5.59 4.05 20.40
C ARG A 208 -5.93 4.06 18.91
N ASP A 209 -5.49 3.01 18.23
CA ASP A 209 -5.72 2.82 16.81
C ASP A 209 -6.88 1.88 16.58
N LEU A 210 -8.00 2.41 16.03
CA LEU A 210 -9.18 1.58 15.89
C LEU A 210 -9.02 0.37 14.97
N ARG A 211 -8.29 0.51 13.87
CA ARG A 211 -8.16 -0.61 12.94
C ARG A 211 -7.47 -1.77 13.63
N THR A 212 -6.37 -1.48 14.34
CA THR A 212 -5.67 -2.51 15.14
C THR A 212 -6.61 -3.12 16.18
N LEU A 213 -7.29 -2.24 16.93
CA LEU A 213 -8.22 -2.67 17.95
C LEU A 213 -9.30 -3.61 17.40
N PHE A 214 -9.92 -3.24 16.28
CA PHE A 214 -10.98 -4.05 15.71
C PHE A 214 -10.44 -5.40 15.12
N ASP A 215 -9.22 -5.41 14.60
CA ASP A 215 -8.59 -6.67 14.20
C ASP A 215 -8.45 -7.61 15.40
N VAL A 216 -7.96 -7.04 16.48
CA VAL A 216 -7.78 -7.74 17.77
C VAL A 216 -9.12 -8.20 18.33
N LEU A 217 -10.13 -7.35 18.28
CA LEU A 217 -11.45 -7.72 18.78
C LEU A 217 -11.94 -8.97 18.05
N ASP A 218 -11.77 -9.04 16.74
CA ASP A 218 -12.15 -10.23 15.98
C ASP A 218 -11.42 -11.51 16.45
N ARG A 219 -10.10 -11.41 16.64
CA ARG A 219 -9.32 -12.52 17.14
CA ARG A 219 -9.28 -12.50 17.15
C ARG A 219 -9.77 -12.98 18.52
N LEU A 220 -10.06 -12.02 19.40
CA LEU A 220 -10.53 -12.33 20.76
C LEU A 220 -11.93 -12.93 20.75
N ASP A 221 -12.79 -12.44 19.87
CA ASP A 221 -14.15 -13.00 19.75
C ASP A 221 -14.05 -14.49 19.42
N LYS A 222 -13.27 -14.83 18.39
CA LYS A 222 -13.04 -16.24 17.99
C LYS A 222 -12.37 -17.07 19.09
N ALA A 223 -11.36 -16.51 19.71
CA ALA A 223 -10.62 -17.21 20.77
C ALA A 223 -11.53 -17.49 21.99
N SER A 224 -12.38 -16.54 22.35
CA SER A 224 -13.33 -16.71 23.45
C SER A 224 -14.32 -17.87 23.18
N VAL A 226 -13.68 -20.41 21.06
CA VAL A 226 -12.88 -21.62 21.02
C VAL A 226 -12.58 -22.16 22.40
N HIS A 227 -12.19 -21.29 23.32
CA HIS A 227 -11.79 -21.68 24.68
C HIS A 227 -12.90 -21.59 25.70
N GLN A 228 -14.07 -21.09 25.27
CA GLN A 228 -15.21 -20.89 26.16
CA GLN A 228 -15.20 -20.91 26.17
C GLN A 228 -14.75 -20.16 27.43
N ARG A 229 -14.24 -18.94 27.22
CA ARG A 229 -13.67 -18.11 28.28
C ARG A 229 -14.11 -16.68 28.11
N LYS A 230 -14.25 -15.95 29.21
CA LYS A 230 -14.56 -14.53 29.12
C LYS A 230 -13.28 -13.75 28.88
N LEU A 231 -13.42 -12.56 28.31
CA LEU A 231 -12.29 -11.67 28.02
CA LEU A 231 -12.29 -11.70 28.02
C LEU A 231 -11.82 -11.00 29.30
N THR A 232 -10.95 -11.68 30.01
CA THR A 232 -10.28 -11.15 31.17
C THR A 232 -8.91 -10.62 30.76
N ILE A 233 -8.29 -9.81 31.61
CA ILE A 233 -6.91 -9.41 31.36
C ILE A 233 -5.94 -10.60 31.12
N PRO A 234 -5.89 -11.61 32.02
CA PRO A 234 -5.05 -12.77 31.76
C PRO A 234 -5.33 -13.44 30.40
N PHE A 235 -6.60 -13.56 30.03
CA PHE A 235 -6.90 -14.22 28.75
C PHE A 235 -6.45 -13.36 27.55
N VAL A 236 -6.72 -12.06 27.60
CA VAL A 236 -6.30 -11.16 26.54
C VAL A 236 -4.77 -11.12 26.43
N LYS A 237 -4.08 -11.11 27.56
CA LYS A 237 -2.61 -11.08 27.54
C LYS A 237 -2.04 -12.34 26.88
N GLU A 238 -2.60 -13.48 27.25
CA GLU A 238 -2.21 -14.77 26.70
C GLU A 238 -2.48 -14.88 25.19
N LEU A 240 -2.84 -12.47 23.00
CA LEU A 240 -2.15 -11.45 22.22
C LEU A 240 -0.64 -11.41 22.48
N ARG A 241 -0.16 -12.29 23.37
CA ARG A 241 1.26 -12.34 23.73
C ARG A 241 1.76 -11.00 24.26
N LEU A 242 0.97 -10.39 25.12
CA LEU A 242 1.31 -9.08 25.65
C LEU A 242 2.17 -9.20 26.89
N PRO B 12 -20.43 -12.05 -6.08
CA PRO B 12 -19.05 -11.85 -6.55
C PRO B 12 -18.02 -11.66 -5.41
N LEU B 13 -16.74 -12.00 -5.65
CA LEU B 13 -15.63 -11.72 -4.69
C LEU B 13 -14.25 -11.57 -5.35
N GLN B 14 -13.56 -10.47 -5.05
CA GLN B 14 -12.17 -10.26 -5.50
C GLN B 14 -11.20 -11.04 -4.63
N LEU B 15 -10.36 -11.84 -5.28
CA LEU B 15 -9.40 -12.71 -4.57
C LEU B 15 -8.00 -12.14 -4.55
N SER B 16 -7.67 -11.32 -5.55
CA SER B 16 -6.30 -10.85 -5.68
C SER B 16 -6.17 -9.53 -6.43
N LEU B 17 -5.01 -8.94 -6.28
CA LEU B 17 -4.65 -7.71 -6.95
C LEU B 17 -3.43 -7.99 -7.82
N PRO B 18 -3.54 -7.77 -9.15
CA PRO B 18 -2.36 -7.92 -9.98
C PRO B 18 -1.24 -6.98 -9.53
N VAL B 19 0.01 -7.46 -9.55
CA VAL B 19 1.14 -6.60 -9.29
C VAL B 19 2.18 -6.82 -10.38
N HIS B 20 3.17 -5.92 -10.44
CA HIS B 20 4.20 -5.95 -11.46
C HIS B 20 5.46 -5.25 -10.96
N LEU B 21 6.54 -6.00 -10.85
CA LEU B 21 7.89 -5.52 -10.54
C LEU B 21 8.43 -4.65 -11.67
N PRO B 22 8.75 -3.38 -11.40
CA PRO B 22 9.34 -2.52 -12.45
C PRO B 22 10.66 -3.07 -12.94
N ASP B 23 10.84 -3.21 -14.26
CA ASP B 23 12.08 -3.84 -14.75
C ASP B 23 13.34 -2.98 -14.66
N ASP B 24 13.19 -1.68 -14.37
CA ASP B 24 14.34 -0.80 -14.34
C ASP B 24 14.82 -0.50 -12.90
N GLU B 25 14.42 -1.31 -11.93
CA GLU B 25 14.83 -1.11 -10.53
C GLU B 25 15.70 -2.29 -10.10
N THR B 26 17.00 -2.15 -10.39
CA THR B 26 17.97 -3.19 -10.16
C THR B 26 19.12 -2.65 -9.33
N PHE B 27 20.04 -3.52 -8.95
CA PHE B 27 21.21 -3.06 -8.20
C PHE B 27 22.07 -2.15 -9.07
N THR B 28 22.12 -2.46 -10.36
CA THR B 28 22.84 -1.63 -11.34
C THR B 28 22.20 -0.27 -11.57
N SER B 29 20.88 -0.21 -11.61
CA SER B 29 20.21 1.07 -11.88
C SER B 29 20.19 2.02 -10.69
N TYR B 30 20.26 1.46 -9.49
CA TYR B 30 20.28 2.25 -8.27
C TYR B 30 21.33 3.37 -8.34
N TYR B 31 20.96 4.58 -7.99
CA TYR B 31 21.95 5.66 -7.98
C TYR B 31 22.92 5.39 -6.84
N PRO B 32 24.23 5.34 -7.13
CA PRO B 32 25.20 4.94 -6.11
C PRO B 32 25.48 5.99 -5.04
N ALA B 33 24.45 6.31 -4.27
CA ALA B 33 24.56 7.19 -3.13
C ALA B 33 25.62 6.59 -2.19
N ALA B 34 26.43 7.44 -1.56
CA ALA B 34 27.43 6.97 -0.62
C ALA B 34 26.85 6.33 0.65
N GLY B 35 27.60 5.35 1.18
CA GLY B 35 27.35 4.82 2.51
C GLY B 35 26.61 3.50 2.57
N ASN B 36 26.33 2.88 1.43
CA ASN B 36 25.48 1.68 1.37
C ASN B 36 26.12 0.38 0.87
N ASP B 37 27.45 0.32 0.78
CA ASP B 37 28.09 -0.84 0.16
C ASP B 37 27.78 -2.13 0.91
N GLU B 38 27.85 -2.08 2.23
CA GLU B 38 27.68 -3.30 3.03
C GLU B 38 26.25 -3.82 2.92
N LEU B 39 25.29 -2.90 3.06
CA LEU B 39 23.87 -3.23 2.89
C LEU B 39 23.65 -3.87 1.55
N ILE B 40 24.16 -3.28 0.48
CA ILE B 40 23.90 -3.81 -0.85
CA ILE B 40 23.92 -3.81 -0.87
C ILE B 40 24.51 -5.21 -1.02
N GLY B 41 25.70 -5.41 -0.46
CA GLY B 41 26.32 -6.74 -0.50
C GLY B 41 25.43 -7.79 0.17
N ALA B 42 24.91 -7.41 1.34
CA ALA B 42 23.98 -8.27 2.10
C ALA B 42 22.72 -8.56 1.25
N LEU B 43 22.12 -7.53 0.66
CA LEU B 43 20.92 -7.70 -0.15
C LEU B 43 21.15 -8.68 -1.30
N LYS B 44 22.29 -8.54 -1.98
CA LYS B 44 22.67 -9.45 -3.05
C LYS B 44 22.82 -10.89 -2.56
N SER B 45 23.39 -11.06 -1.38
CA SER B 45 23.56 -12.41 -0.82
C SER B 45 22.20 -13.05 -0.53
N ALA B 46 21.30 -12.30 0.10
CA ALA B 46 19.94 -12.77 0.38
C ALA B 46 19.20 -13.09 -0.92
N ALA B 47 19.34 -12.22 -1.93
CA ALA B 47 18.67 -12.41 -3.21
C ALA B 47 19.19 -13.65 -3.96
N SER B 48 20.47 -13.93 -3.77
CA SER B 48 21.19 -15.00 -4.49
C SER B 48 21.23 -16.34 -3.77
N GLY B 49 20.95 -16.31 -2.48
CA GLY B 49 21.02 -17.50 -1.63
C GLY B 49 22.44 -17.82 -1.22
N ASP B 50 23.27 -16.79 -1.12
CA ASP B 50 24.67 -16.94 -0.80
C ASP B 50 24.93 -17.02 0.72
N GLY B 51 23.89 -16.88 1.54
CA GLY B 51 24.03 -17.14 2.98
C GLY B 51 23.23 -16.24 3.91
N VAL B 52 23.08 -14.96 3.54
CA VAL B 52 22.32 -14.04 4.38
C VAL B 52 20.89 -14.52 4.49
N GLN B 53 20.37 -14.55 5.72
CA GLN B 53 19.02 -15.06 5.98
C GLN B 53 17.94 -13.99 6.18
N ALA B 54 18.32 -12.87 6.79
CA ALA B 54 17.32 -11.83 7.10
C ALA B 54 17.99 -10.47 7.13
N ILE B 55 17.33 -9.52 6.50
CA ILE B 55 17.80 -8.14 6.51
C ILE B 55 16.62 -7.23 6.83
N TYR B 56 16.88 -6.24 7.67
CA TYR B 56 15.94 -5.19 8.00
C TYR B 56 16.63 -3.92 7.58
N LEU B 57 16.11 -3.24 6.57
CA LEU B 57 16.70 -1.96 6.14
C LEU B 57 15.70 -0.82 6.37
N TRP B 58 16.19 0.31 6.87
CA TRP B 58 15.34 1.41 7.17
C TRP B 58 15.95 2.73 6.74
N GLY B 59 15.09 3.69 6.47
CA GLY B 59 15.56 4.99 6.05
C GLY B 59 14.36 5.88 5.84
N PRO B 60 14.60 7.14 5.48
CA PRO B 60 13.53 8.10 5.25
C PRO B 60 12.78 7.85 3.94
N VAL B 61 11.58 8.43 3.81
CA VAL B 61 10.82 8.30 2.59
C VAL B 61 11.63 8.82 1.40
N LYS B 62 11.51 8.08 0.31
CA LYS B 62 12.18 8.32 -0.98
C LYS B 62 13.66 7.96 -0.96
N SER B 63 14.12 7.27 0.09
CA SER B 63 15.54 6.93 0.21
C SER B 63 15.99 5.79 -0.69
N GLY B 64 15.06 4.94 -1.09
CA GLY B 64 15.37 3.84 -2.01
C GLY B 64 14.99 2.44 -1.55
N ARG B 65 14.16 2.34 -0.52
CA ARG B 65 13.84 1.04 0.09
C ARG B 65 13.08 0.11 -0.83
N THR B 66 12.04 0.63 -1.44
CA THR B 66 11.27 -0.16 -2.41
C THR B 66 12.13 -0.51 -3.66
N HIS B 67 12.94 0.44 -4.13
CA HIS B 67 13.84 0.14 -5.23
C HIS B 67 14.71 -1.07 -4.87
N LEU B 68 15.33 -1.03 -3.69
CA LEU B 68 16.26 -2.10 -3.35
C LEU B 68 15.55 -3.44 -3.17
N ILE B 69 14.36 -3.42 -2.58
CA ILE B 69 13.56 -4.65 -2.52
C ILE B 69 13.23 -5.18 -3.92
N HIS B 70 12.76 -4.31 -4.80
CA HIS B 70 12.57 -4.65 -6.20
C HIS B 70 13.83 -5.22 -6.83
N ALA B 71 14.98 -4.59 -6.58
CA ALA B 71 16.27 -5.08 -7.12
C ALA B 71 16.58 -6.49 -6.62
N ALA B 72 16.28 -6.76 -5.34
CA ALA B 72 16.51 -8.09 -4.72
C ALA B 72 15.62 -9.11 -5.42
N CYS B 73 14.36 -8.78 -5.62
CA CYS B 73 13.42 -9.64 -6.38
C CYS B 73 13.89 -9.89 -7.82
N ALA B 74 14.30 -8.83 -8.51
CA ALA B 74 14.85 -8.92 -9.87
C ALA B 74 16.04 -9.87 -9.96
N ARG B 75 16.97 -9.73 -9.02
CA ARG B 75 18.17 -10.58 -8.96
C ARG B 75 17.77 -12.03 -8.73
N ALA B 76 16.89 -12.26 -7.75
CA ALA B 76 16.36 -13.62 -7.52
C ALA B 76 15.70 -14.20 -8.79
N ASN B 77 14.89 -13.39 -9.47
CA ASN B 77 14.18 -13.85 -10.67
C ASN B 77 15.17 -14.20 -11.78
N GLU B 78 16.25 -13.44 -11.93
CA GLU B 78 17.22 -13.77 -12.98
C GLU B 78 17.96 -15.07 -12.73
N LEU B 79 18.17 -15.39 -11.46
CA LEU B 79 18.72 -16.70 -11.05
C LEU B 79 17.66 -17.82 -11.02
N GLU B 80 16.43 -17.52 -11.46
CA GLU B 80 15.28 -18.43 -11.37
C GLU B 80 14.94 -18.90 -9.95
N ARG B 81 15.25 -18.05 -8.99
CA ARG B 81 14.84 -18.22 -7.62
C ARG B 81 13.46 -17.56 -7.44
N ARG B 82 12.64 -18.13 -6.56
CA ARG B 82 11.25 -17.74 -6.40
C ARG B 82 11.16 -16.68 -5.32
N SER B 83 10.59 -15.53 -5.67
CA SER B 83 10.43 -14.41 -4.75
C SER B 83 8.98 -14.04 -4.54
N PHE B 84 8.70 -13.44 -3.38
CA PHE B 84 7.36 -12.97 -3.10
C PHE B 84 7.48 -11.62 -2.39
N TYR B 85 6.75 -10.64 -2.91
CA TYR B 85 6.77 -9.26 -2.44
C TYR B 85 5.43 -8.91 -1.79
N ILE B 86 5.50 -8.45 -0.55
CA ILE B 86 4.32 -7.97 0.23
C ILE B 86 4.51 -6.50 0.62
N PRO B 87 3.65 -5.60 0.10
CA PRO B 87 3.70 -4.20 0.52
C PRO B 87 2.78 -4.05 1.71
N LEU B 88 3.34 -4.11 2.92
CA LEU B 88 2.48 -4.19 4.12
C LEU B 88 1.73 -2.88 4.44
N GLY B 89 2.05 -1.82 3.68
CA GLY B 89 1.28 -0.58 3.73
C GLY B 89 -0.19 -0.83 3.49
N ILE B 90 -0.52 -1.86 2.72
CA ILE B 90 -1.94 -2.17 2.44
C ILE B 90 -2.54 -3.23 3.34
N HIS B 91 -2.01 -3.32 4.58
CA HIS B 91 -2.48 -4.27 5.58
C HIS B 91 -4.01 -4.25 5.80
N ALA B 92 -4.66 -3.12 5.54
CA ALA B 92 -6.12 -3.03 5.68
C ALA B 92 -6.86 -4.02 4.78
N SER B 93 -6.20 -4.49 3.73
CA SER B 93 -6.81 -5.36 2.73
C SER B 93 -6.18 -6.74 2.60
N ILE B 94 -5.25 -7.04 3.49
CA ILE B 94 -4.67 -8.39 3.55
C ILE B 94 -4.72 -8.97 4.96
N SER B 95 -4.52 -10.28 5.01
CA SER B 95 -4.70 -11.09 6.19
C SER B 95 -3.35 -11.63 6.63
N THR B 96 -3.17 -11.88 7.92
CA THR B 96 -1.94 -12.52 8.41
C THR B 96 -1.77 -13.94 7.80
N ALA B 97 -2.87 -14.52 7.34
CA ALA B 97 -2.83 -15.84 6.66
C ALA B 97 -1.91 -15.80 5.44
N LEU B 98 -1.71 -14.62 4.86
CA LEU B 98 -0.82 -14.49 3.71
C LEU B 98 0.62 -14.92 4.04
N LEU B 99 1.06 -14.72 5.28
CA LEU B 99 2.42 -15.08 5.70
C LEU B 99 2.65 -16.58 5.82
N GLU B 100 1.56 -17.36 5.80
CA GLU B 100 1.65 -18.83 5.81
C GLU B 100 1.77 -19.40 4.39
N GLY B 101 2.44 -20.54 4.26
CA GLY B 101 2.57 -21.20 2.96
C GLY B 101 3.60 -20.58 2.03
N LEU B 102 4.47 -19.73 2.57
CA LEU B 102 5.49 -19.08 1.76
C LEU B 102 6.76 -19.96 1.71
N GLU B 103 6.60 -21.25 2.03
CA GLU B 103 7.74 -22.18 2.09
C GLU B 103 8.26 -22.47 0.68
N GLN B 104 7.39 -22.27 -0.30
CA GLN B 104 7.78 -22.33 -1.71
C GLN B 104 8.83 -21.27 -2.14
N PHE B 105 9.17 -20.30 -1.26
CA PHE B 105 9.94 -19.13 -1.72
C PHE B 105 11.37 -19.05 -1.24
N ASP B 106 12.24 -18.70 -2.18
CA ASP B 106 13.64 -18.45 -1.87
C ASP B 106 13.83 -17.07 -1.24
N LEU B 107 12.99 -16.10 -1.62
CA LEU B 107 13.09 -14.76 -1.09
C LEU B 107 11.72 -14.23 -0.78
N ILE B 108 11.55 -13.75 0.45
CA ILE B 108 10.31 -13.08 0.84
C ILE B 108 10.66 -11.65 1.20
N CYS B 109 9.96 -10.69 0.61
CA CYS B 109 10.18 -9.28 0.93
C CYS B 109 8.93 -8.65 1.50
N ILE B 110 9.07 -7.96 2.64
CA ILE B 110 7.96 -7.22 3.24
C ILE B 110 8.35 -5.74 3.24
N ASP B 111 7.75 -5.00 2.32
CA ASP B 111 8.01 -3.57 2.25
C ASP B 111 7.17 -2.87 3.33
N ASP B 112 7.75 -1.89 4.01
CA ASP B 112 7.06 -1.13 5.05
C ASP B 112 6.45 -2.01 6.14
N VAL B 113 7.27 -2.93 6.65
CA VAL B 113 6.86 -3.78 7.77
C VAL B 113 6.41 -3.01 9.03
N ASP B 114 6.93 -1.81 9.21
CA ASP B 114 6.58 -0.93 10.34
C ASP B 114 5.16 -0.34 10.21
N ALA B 115 4.51 -0.58 9.07
CA ALA B 115 3.09 -0.23 8.89
C ALA B 115 2.21 -0.91 9.93
N VAL B 116 2.67 -2.05 10.45
CA VAL B 116 1.93 -2.80 11.44
C VAL B 116 2.68 -2.87 12.77
N ALA B 117 3.67 -1.99 12.98
CA ALA B 117 4.42 -2.00 14.23
C ALA B 117 3.42 -1.78 15.37
N GLY B 118 3.46 -2.64 16.38
CA GLY B 118 2.54 -2.52 17.51
C GLY B 118 1.27 -3.35 17.44
N HIS B 119 1.03 -3.93 16.26
CA HIS B 119 -0.17 -4.74 16.00
C HIS B 119 0.13 -6.17 16.42
N PRO B 120 -0.51 -6.66 17.50
CA PRO B 120 -0.04 -7.92 18.07
C PRO B 120 -0.23 -9.13 17.15
N LEU B 121 -1.23 -9.10 16.27
CA LEU B 121 -1.48 -10.27 15.39
C LEU B 121 -0.44 -10.32 14.27
N TRP B 122 -0.21 -9.17 13.64
CA TRP B 122 0.86 -9.06 12.64
C TRP B 122 2.24 -9.36 13.26
N GLU B 123 2.50 -8.89 14.47
CA GLU B 123 3.80 -9.11 15.11
C GLU B 123 4.03 -10.58 15.36
N GLU B 124 3.01 -11.30 15.84
CA GLU B 124 3.08 -12.76 16.04
CA GLU B 124 3.19 -12.74 16.04
C GLU B 124 3.36 -13.48 14.71
N ALA B 125 2.59 -13.10 13.68
CA ALA B 125 2.72 -13.75 12.37
C ALA B 125 4.10 -13.52 11.75
N ILE B 126 4.62 -12.30 11.88
CA ILE B 126 5.94 -11.97 11.36
C ILE B 126 7.05 -12.71 12.11
N PHE B 127 6.92 -12.77 13.43
CA PHE B 127 7.84 -13.51 14.28
C PHE B 127 7.89 -14.98 13.83
N ASP B 128 6.71 -15.59 13.67
CA ASP B 128 6.61 -16.95 13.19
C ASP B 128 7.27 -17.13 11.81
N LEU B 129 7.10 -16.16 10.93
CA LEU B 129 7.73 -16.20 9.62
C LEU B 129 9.26 -16.17 9.73
N TYR B 130 9.80 -15.30 10.56
CA TYR B 130 11.24 -15.26 10.84
C TYR B 130 11.72 -16.66 11.26
N ASN B 131 11.01 -17.28 12.19
CA ASN B 131 11.40 -18.62 12.66
C ASN B 131 11.44 -19.64 11.54
N ARG B 132 10.42 -19.64 10.68
CA ARG B 132 10.35 -20.58 9.57
C ARG B 132 11.48 -20.33 8.58
N VAL B 133 11.72 -19.07 8.24
CA VAL B 133 12.84 -18.70 7.35
C VAL B 133 14.21 -19.12 7.94
N ALA B 134 14.41 -18.92 9.26
CA ALA B 134 15.71 -19.17 9.89
C ALA B 134 15.96 -20.66 10.17
N GLU B 135 14.90 -21.47 10.09
CA GLU B 135 14.92 -22.89 10.46
C GLU B 135 15.86 -23.75 9.60
N GLN B 136 16.08 -23.31 8.37
CA GLN B 136 16.99 -24.01 7.46
C GLN B 136 17.58 -23.01 6.50
N LYS B 137 18.61 -23.39 5.75
CA LYS B 137 19.30 -22.45 4.86
C LYS B 137 18.33 -21.87 3.80
N ARG B 138 17.46 -22.71 3.27
CA ARG B 138 16.52 -22.30 2.23
C ARG B 138 15.68 -21.14 2.75
N GLY B 139 15.51 -20.13 1.92
CA GLY B 139 14.65 -19.00 2.25
C GLY B 139 15.38 -17.87 2.96
N SER B 140 15.13 -16.66 2.49
CA SER B 140 15.68 -15.43 3.07
C SER B 140 14.51 -14.42 3.16
N LEU B 141 14.63 -13.51 4.11
CA LEU B 141 13.61 -12.47 4.35
C LEU B 141 14.28 -11.10 4.32
N ILE B 142 13.70 -10.17 3.56
CA ILE B 142 14.11 -8.79 3.58
C ILE B 142 12.89 -7.97 3.94
N VAL B 143 13.05 -7.10 4.92
CA VAL B 143 11.99 -6.18 5.33
C VAL B 143 12.50 -4.75 5.38
N SER B 144 11.61 -3.79 5.10
CA SER B 144 11.98 -2.39 5.14
C SER B 144 11.08 -1.59 6.09
N ALA B 145 11.61 -0.47 6.58
CA ALA B 145 10.93 0.35 7.55
C ALA B 145 11.46 1.79 7.50
N SER B 146 10.80 2.67 8.24
CA SER B 146 11.16 4.09 8.30
CA SER B 146 11.20 4.09 8.30
C SER B 146 12.02 4.40 9.56
N ALA B 147 12.25 3.38 10.39
CA ALA B 147 13.02 3.52 11.61
C ALA B 147 13.56 2.16 11.99
N SER B 148 14.54 2.17 12.89
CA SER B 148 15.15 0.94 13.42
C SER B 148 14.10 0.09 14.13
N PRO B 149 14.38 -1.21 14.32
CA PRO B 149 13.36 -2.06 14.94
C PRO B 149 12.80 -1.51 16.28
N GLU B 151 12.98 1.87 17.27
CA GLU B 151 12.40 3.18 17.08
C GLU B 151 11.12 3.13 16.29
N ALA B 152 10.91 2.05 15.52
CA ALA B 152 9.68 1.89 14.78
C ALA B 152 8.49 1.50 15.68
N GLY B 153 8.75 1.09 16.90
CA GLY B 153 7.69 0.81 17.86
C GLY B 153 7.15 -0.62 17.82
N PHE B 154 7.94 -1.58 17.30
CA PHE B 154 7.59 -3.00 17.47
C PHE B 154 7.58 -3.32 18.95
N VAL B 155 6.54 -4.04 19.37
CA VAL B 155 6.30 -4.31 20.78
C VAL B 155 6.75 -5.72 21.23
N LEU B 156 6.38 -6.76 20.48
CA LEU B 156 6.66 -8.14 20.84
C LEU B 156 8.17 -8.35 21.04
N PRO B 157 8.62 -8.58 22.28
CA PRO B 157 10.07 -8.75 22.50
C PRO B 157 10.70 -9.80 21.61
N ASP B 158 10.06 -10.95 21.45
CA ASP B 158 10.60 -12.02 20.60
C ASP B 158 10.82 -11.58 19.14
N LEU B 159 9.95 -10.73 18.63
CA LEU B 159 10.05 -10.26 17.27
C LEU B 159 11.27 -9.35 17.15
N VAL B 160 11.43 -8.40 18.06
CA VAL B 160 12.58 -7.48 17.99
C VAL B 160 13.90 -8.25 18.08
N SER B 161 13.93 -9.27 18.96
CA SER B 161 15.09 -10.14 19.09
CA SER B 161 15.09 -10.17 19.09
C SER B 161 15.41 -10.86 17.77
N ARG B 162 14.40 -11.40 17.11
CA ARG B 162 14.62 -12.03 15.81
C ARG B 162 15.11 -11.05 14.75
N HIS B 164 16.92 -8.47 15.23
CA HIS B 164 18.32 -8.20 15.51
C HIS B 164 19.25 -9.42 15.46
N TRP B 165 18.69 -10.63 15.42
CA TRP B 165 19.45 -11.86 15.05
C TRP B 165 19.86 -11.76 13.55
N GLY B 166 18.99 -11.17 12.73
CA GLY B 166 19.34 -10.89 11.34
C GLY B 166 20.15 -9.63 11.25
N LEU B 167 20.39 -9.15 10.02
CA LEU B 167 21.17 -7.93 9.79
C LEU B 167 20.27 -6.72 9.74
N THR B 168 20.71 -5.62 10.35
CA THR B 168 19.96 -4.38 10.34
CA THR B 168 19.95 -4.38 10.31
C THR B 168 20.86 -3.28 9.76
N TYR B 169 20.33 -2.55 8.78
CA TYR B 169 21.08 -1.46 8.12
C TYR B 169 20.23 -0.19 7.98
N GLN B 170 20.84 0.97 8.24
CA GLN B 170 20.26 2.24 7.89
C GLN B 170 20.69 2.59 6.47
N LEU B 171 19.70 2.82 5.63
CA LEU B 171 19.94 3.22 4.26
C LEU B 171 20.24 4.72 4.21
N GLN B 172 21.35 5.05 3.54
CA GLN B 172 21.68 6.45 3.28
C GLN B 172 21.01 6.90 1.98
N PRO B 173 20.23 7.98 2.03
CA PRO B 173 19.65 8.53 0.79
C PRO B 173 20.71 9.26 -0.02
N ASP B 176 20.03 15.63 -1.92
CA ASP B 176 18.96 16.24 -2.70
C ASP B 176 19.54 16.91 -3.96
N ASP B 177 20.71 17.50 -3.82
CA ASP B 177 21.39 18.17 -4.93
C ASP B 177 21.89 17.21 -6.02
N GLU B 178 21.84 15.91 -5.76
CA GLU B 178 22.28 14.92 -6.73
C GLU B 178 21.15 14.37 -7.58
N LYS B 179 19.94 14.88 -7.42
CA LYS B 179 18.79 14.33 -8.16
C LYS B 179 18.93 14.51 -9.67
N LEU B 180 19.38 15.70 -10.11
CA LEU B 180 19.61 15.90 -11.55
C LEU B 180 20.62 14.87 -12.11
N ALA B 181 21.74 14.70 -11.42
CA ALA B 181 22.75 13.70 -11.82
C ALA B 181 22.13 12.30 -11.86
N ALA B 182 21.31 11.97 -10.88
CA ALA B 182 20.65 10.65 -10.87
C ALA B 182 19.75 10.46 -12.09
N LEU B 183 18.99 11.49 -12.44
CA LEU B 183 18.10 11.42 -13.60
CA LEU B 183 18.10 11.43 -13.57
C LEU B 183 18.87 11.26 -14.88
N GLN B 184 19.93 12.04 -15.03
CA GLN B 184 20.76 12.02 -16.21
C GLN B 184 21.46 10.67 -16.37
N ARG B 185 21.90 10.08 -15.25
CA ARG B 185 22.58 8.80 -15.23
C ARG B 185 21.65 7.67 -15.68
N ARG B 186 20.45 7.63 -15.14
CA ARG B 186 19.55 6.55 -15.53
C ARG B 186 19.10 6.71 -16.98
N ALA B 187 18.93 7.95 -17.45
CA ALA B 187 18.60 8.17 -18.86
C ALA B 187 19.75 7.70 -19.72
N ALA B 188 20.97 8.11 -19.38
CA ALA B 188 22.16 7.70 -20.14
C ALA B 188 22.34 6.18 -20.21
N ARG B 190 20.14 4.02 -20.46
CA ARG B 190 19.19 3.52 -21.45
C ARG B 190 19.40 4.19 -22.82
N GLY B 191 20.52 4.90 -22.98
CA GLY B 191 20.87 5.53 -24.24
C GLY B 191 20.27 6.91 -24.51
N LEU B 192 19.57 7.46 -23.51
CA LEU B 192 18.87 8.74 -23.62
C LEU B 192 19.71 9.86 -22.99
N GLN B 193 20.05 10.86 -23.80
CA GLN B 193 20.68 12.08 -23.33
C GLN B 193 19.57 13.00 -22.76
N LEU B 194 19.73 13.38 -21.50
CA LEU B 194 18.79 14.27 -20.83
C LEU B 194 19.50 15.58 -20.57
N PRO B 195 19.22 16.61 -21.39
CA PRO B 195 19.89 17.88 -21.16
C PRO B 195 19.58 18.54 -19.81
N GLU B 196 20.49 19.40 -19.38
CA GLU B 196 20.37 20.05 -18.07
C GLU B 196 19.10 20.84 -17.96
N ASP B 197 18.78 21.65 -18.97
CA ASP B 197 17.56 22.48 -18.90
C ASP B 197 16.27 21.65 -18.80
N VAL B 198 16.18 20.59 -19.59
CA VAL B 198 15.06 19.67 -19.55
C VAL B 198 14.97 18.97 -18.18
N GLY B 199 16.11 18.54 -17.67
CA GLY B 199 16.18 17.88 -16.36
C GLY B 199 15.71 18.80 -15.25
N ARG B 200 16.19 20.04 -15.25
CA ARG B 200 15.76 21.02 -14.25
C ARG B 200 14.27 21.40 -14.34
N PHE B 201 13.78 21.54 -15.58
CA PHE B 201 12.39 21.86 -15.84
C PHE B 201 11.51 20.73 -15.27
N LEU B 202 11.90 19.49 -15.54
CA LEU B 202 11.10 18.34 -15.11
C LEU B 202 11.12 18.17 -13.57
N LEU B 203 12.29 18.35 -12.97
CA LEU B 203 12.47 18.24 -11.52
C LEU B 203 11.52 19.26 -10.87
N ASN B 204 11.50 20.48 -11.39
CA ASN B 204 10.65 21.53 -10.83
C ASN B 204 9.18 21.16 -11.03
N ARG B 205 8.86 20.73 -12.23
CA ARG B 205 7.49 20.46 -12.62
C ARG B 205 6.90 19.30 -11.81
N ALA B 207 7.88 18.30 -8.70
CA ALA B 207 8.16 18.44 -7.26
C ALA B 207 9.33 17.57 -6.80
N ARG B 208 10.29 17.40 -7.69
CA ARG B 208 11.50 16.65 -7.40
C ARG B 208 11.25 15.18 -6.98
N ASP B 209 10.15 14.62 -7.43
CA ASP B 209 9.86 13.22 -7.14
C ASP B 209 10.52 12.30 -8.15
N LEU B 210 11.57 11.59 -7.73
CA LEU B 210 12.31 10.77 -8.63
C LEU B 210 11.49 9.61 -9.22
N ARG B 211 10.61 9.01 -8.45
CA ARG B 211 9.80 7.89 -8.99
C ARG B 211 8.95 8.36 -10.17
N THR B 212 8.28 9.50 -10.01
CA THR B 212 7.48 10.05 -11.09
C THR B 212 8.35 10.35 -12.30
N LEU B 213 9.51 10.94 -12.04
CA LEU B 213 10.40 11.35 -13.12
C LEU B 213 10.96 10.15 -13.85
N PHE B 214 11.34 9.10 -13.11
CA PHE B 214 11.85 7.91 -13.76
C PHE B 214 10.77 7.26 -14.60
N ASP B 215 9.53 7.34 -14.14
CA ASP B 215 8.41 6.81 -14.91
C ASP B 215 8.22 7.58 -16.23
N VAL B 216 8.47 8.87 -16.23
CA VAL B 216 8.23 9.77 -17.37
C VAL B 216 9.37 9.64 -18.40
N LEU B 217 10.61 9.57 -17.92
CA LEU B 217 11.81 9.35 -18.79
C LEU B 217 11.71 8.15 -19.75
N ASP B 218 10.94 7.15 -19.38
CA ASP B 218 10.74 5.99 -20.22
CA ASP B 218 10.77 5.99 -20.25
C ASP B 218 9.86 6.32 -21.45
N ARG B 219 8.80 7.08 -21.22
CA ARG B 219 7.96 7.55 -22.32
C ARG B 219 8.79 8.49 -23.21
N LEU B 220 9.61 9.31 -22.58
CA LEU B 220 10.42 10.27 -23.34
C LEU B 220 11.52 9.62 -24.16
N ASP B 221 12.08 8.52 -23.66
CA ASP B 221 13.04 7.71 -24.42
C ASP B 221 12.44 7.25 -25.73
N LYS B 222 11.28 6.62 -25.67
CA LYS B 222 10.67 6.15 -26.87
C LYS B 222 10.33 7.31 -27.82
N ALA B 223 9.78 8.41 -27.28
CA ALA B 223 9.40 9.56 -28.11
C ALA B 223 10.59 10.10 -28.88
N SER B 224 11.72 10.22 -28.18
CA SER B 224 12.95 10.69 -28.77
C SER B 224 13.43 9.78 -29.93
N VAL B 226 11.58 7.46 -31.74
CA VAL B 226 10.59 7.47 -32.82
C VAL B 226 10.71 8.73 -33.69
N HIS B 227 10.76 9.89 -33.04
CA HIS B 227 10.80 11.15 -33.77
C HIS B 227 12.21 11.63 -34.11
N GLN B 228 13.23 10.93 -33.60
CA GLN B 228 14.63 11.26 -33.93
C GLN B 228 14.90 12.73 -33.59
N ARG B 229 14.63 13.05 -32.33
CA ARG B 229 14.64 14.41 -31.80
C ARG B 229 15.34 14.37 -30.47
N LYS B 230 16.17 15.38 -30.17
CA LYS B 230 16.69 15.57 -28.82
C LYS B 230 15.57 16.04 -27.90
N LEU B 231 15.67 15.68 -26.63
CA LEU B 231 14.77 16.27 -25.64
C LEU B 231 15.00 17.78 -25.53
N THR B 232 13.89 18.51 -25.61
CA THR B 232 13.84 19.95 -25.41
C THR B 232 12.61 20.19 -24.55
N ILE B 233 12.54 21.33 -23.88
CA ILE B 233 11.39 21.63 -23.02
C ILE B 233 10.05 21.60 -23.77
N PRO B 234 9.98 22.26 -24.93
CA PRO B 234 8.74 22.19 -25.75
C PRO B 234 8.31 20.76 -26.12
N PHE B 235 9.28 19.94 -26.53
CA PHE B 235 9.02 18.53 -26.89
C PHE B 235 8.49 17.72 -25.70
N VAL B 236 9.12 17.88 -24.54
CA VAL B 236 8.70 17.17 -23.32
CA VAL B 236 8.68 17.14 -23.34
C VAL B 236 7.28 17.60 -22.89
N LYS B 237 6.95 18.87 -23.07
CA LYS B 237 5.63 19.39 -22.71
C LYS B 237 4.54 18.71 -23.56
N GLU B 238 4.77 18.70 -24.87
CA GLU B 238 3.90 17.98 -25.80
C GLU B 238 3.68 16.53 -25.37
N LEU B 240 4.11 14.81 -22.61
CA LEU B 240 3.64 14.47 -21.26
C LEU B 240 2.30 15.12 -20.88
N ARG B 241 1.71 15.86 -21.82
CA ARG B 241 0.42 16.51 -21.65
C ARG B 241 0.51 17.53 -20.51
N LEU B 242 1.60 18.29 -20.51
CA LEU B 242 1.85 19.34 -19.52
C LEU B 242 1.45 20.69 -20.09
#